data_7EQH
#
_entry.id   7EQH
#
_cell.length_a   66.622
_cell.length_b   84.759
_cell.length_c   92.870
_cell.angle_alpha   90.000
_cell.angle_beta   90.000
_cell.angle_gamma   90.000
#
_symmetry.space_group_name_H-M   'P 21 21 21'
#
loop_
_entity.id
_entity.type
_entity.pdbx_description
1 polymer 'Heme oxygenase 1, chloroplastic'
2 non-polymer 'PROTOPORPHYRIN IX CONTAINING FE'
3 water water
#
_entity_poly.entity_id   1
_entity_poly.type   'polypeptide(L)'
_entity_poly.pdbx_seq_one_letter_code
;MGHHHHHHAATTAAEKQKKRYPGESKGFVEEMRFVAMRLHTKDQAKEGEKETKSIEERPVAKWEPTVEGYLRFLVDSKLV
YDTLELIIQDSNFPTYAEFKNTGLERAEKLSTDLEWFKEQGYEIPEPTAPGKTYSQYLKELAEKDPQAFICHFYNIYFAH
SAGGRMIGRKVAERILDNKELEFYKWDGELSQLLQNVREKLNKVAEEWTREEKNHCLEETEKSFKYSGEILRLILS
;
_entity_poly.pdbx_strand_id   A,B
#
loop_
_chem_comp.id
_chem_comp.type
_chem_comp.name
_chem_comp.formula
HEM non-polymer 'PROTOPORPHYRIN IX CONTAINING FE' 'C34 H32 Fe N4 O4'
#
# COMPACT_ATOMS: atom_id res chain seq x y z
N SER A 25 -2.87 19.47 -15.21
CA SER A 25 -3.35 18.51 -16.20
C SER A 25 -2.65 17.14 -16.04
N LYS A 26 -1.67 17.08 -15.13
CA LYS A 26 -1.00 15.84 -14.76
C LYS A 26 -1.68 15.14 -13.59
N GLY A 27 -2.97 15.38 -13.38
CA GLY A 27 -3.65 14.94 -12.18
C GLY A 27 -3.70 16.01 -11.12
N PHE A 28 -4.66 15.87 -10.20
CA PHE A 28 -4.94 16.94 -9.25
C PHE A 28 -3.77 17.18 -8.30
N VAL A 29 -3.00 16.14 -7.97
CA VAL A 29 -1.86 16.33 -7.05
C VAL A 29 -0.85 17.29 -7.64
N GLU A 30 -0.70 17.30 -8.97
CA GLU A 30 0.22 18.26 -9.58
C GLU A 30 -0.29 19.69 -9.44
N GLU A 31 -1.62 19.87 -9.43
CA GLU A 31 -2.17 21.20 -9.17
C GLU A 31 -1.89 21.63 -7.73
N MET A 32 -2.08 20.71 -6.79
CA MET A 32 -1.79 21.02 -5.39
C MET A 32 -0.33 21.37 -5.19
N ARG A 33 0.57 20.67 -5.90
CA ARG A 33 1.99 20.94 -5.75
C ARG A 33 2.37 22.28 -6.38
N PHE A 34 1.80 22.58 -7.56
CA PHE A 34 2.08 23.86 -8.20
C PHE A 34 1.69 25.02 -7.30
N VAL A 35 0.49 24.95 -6.69
CA VAL A 35 0.03 26.01 -5.81
C VAL A 35 0.92 26.11 -4.57
N ALA A 36 1.33 24.96 -4.02
CA ALA A 36 2.15 24.98 -2.81
C ALA A 36 3.56 25.52 -3.08
N MET A 37 4.16 25.16 -4.22
CA MET A 37 5.50 25.64 -4.51
C MET A 37 5.53 27.15 -4.72
N ARG A 38 4.49 27.70 -5.32
CA ARG A 38 4.38 29.14 -5.50
C ARG A 38 4.38 29.89 -4.17
N LEU A 39 3.95 29.23 -3.10
CA LEU A 39 3.87 29.85 -1.78
C LEU A 39 5.17 29.73 -0.97
N HIS A 40 6.20 29.10 -1.49
CA HIS A 40 7.49 29.16 -0.83
C HIS A 40 8.17 30.50 -1.11
N THR A 41 9.21 30.79 -0.34
CA THR A 41 10.10 31.87 -0.72
C THR A 41 11.09 31.38 -1.78
N LYS A 42 11.69 32.34 -2.49
CA LYS A 42 12.83 31.99 -3.33
C LYS A 42 13.99 31.49 -2.49
N ASP A 43 14.07 31.93 -1.22
CA ASP A 43 15.05 31.40 -0.27
C ASP A 43 14.82 29.93 0.06
N GLN A 44 13.70 29.36 -0.39
CA GLN A 44 13.34 27.97 -0.11
C GLN A 44 13.29 27.09 -1.36
N ALA A 45 12.86 27.61 -2.50
CA ALA A 45 12.71 26.75 -3.66
C ALA A 45 12.69 27.57 -4.94
N LYS A 46 13.09 26.92 -6.03
CA LYS A 46 13.12 27.52 -7.36
C LYS A 46 11.85 28.30 -7.69
N GLU A 47 10.70 27.64 -7.55
CA GLU A 47 9.40 28.14 -7.96
C GLU A 47 8.79 29.13 -6.96
N GLY A 48 9.43 29.34 -5.82
CA GLY A 48 8.84 30.19 -4.80
C GLY A 48 8.69 31.62 -5.29
N GLU A 49 7.59 32.25 -4.87
CA GLU A 49 7.31 33.65 -5.19
C GLU A 49 7.08 34.51 -3.97
N LYS A 50 7.16 33.95 -2.77
CA LYS A 50 6.97 34.73 -1.56
C LYS A 50 8.25 35.46 -1.18
N GLU A 51 8.09 36.65 -0.63
CA GLU A 51 9.22 37.39 -0.08
C GLU A 51 9.62 36.80 1.26
N THR A 52 10.89 36.97 1.61
CA THR A 52 11.40 36.48 2.89
C THR A 52 11.09 37.54 3.95
N LYS A 53 10.04 37.32 4.73
CA LYS A 53 9.56 38.30 5.70
C LYS A 53 9.72 37.87 7.16
N SER A 54 9.65 36.58 7.45
CA SER A 54 9.72 36.12 8.84
C SER A 54 10.95 35.25 9.03
N ILE A 55 11.29 35.02 10.30
CA ILE A 55 12.53 34.34 10.63
C ILE A 55 12.50 32.89 10.16
N GLU A 56 11.32 32.25 10.13
CA GLU A 56 11.23 30.88 9.65
C GLU A 56 11.33 30.77 8.13
N GLU A 57 11.37 31.89 7.41
CA GLU A 57 11.55 31.88 5.97
C GLU A 57 13.00 32.10 5.55
N ARG A 58 13.92 32.22 6.50
CA ARG A 58 15.33 32.34 6.18
C ARG A 58 15.85 31.02 5.62
N PRO A 59 16.87 31.07 4.75
CA PRO A 59 17.51 29.82 4.29
C PRO A 59 17.84 28.93 5.48
N VAL A 60 17.52 27.64 5.32
CA VAL A 60 17.72 26.67 6.41
C VAL A 60 19.16 26.70 6.91
N ALA A 61 20.12 26.89 5.99
CA ALA A 61 21.53 26.93 6.38
C ALA A 61 21.83 28.06 7.37
N LYS A 62 20.99 29.08 7.44
CA LYS A 62 21.18 30.22 8.34
C LYS A 62 20.43 30.07 9.66
N TRP A 63 19.64 29.02 9.82
CA TRP A 63 18.82 28.87 11.03
C TRP A 63 19.69 28.61 12.26
N GLU A 64 19.22 29.09 13.40
CA GLU A 64 19.86 28.85 14.69
C GLU A 64 18.83 28.24 15.63
N PRO A 65 18.59 26.94 15.50
CA PRO A 65 17.64 26.29 16.41
C PRO A 65 18.26 26.10 17.78
N THR A 66 17.39 25.90 18.76
CA THR A 66 17.77 25.48 20.09
C THR A 66 17.03 24.20 20.41
N VAL A 67 17.59 23.39 21.29
CA VAL A 67 16.88 22.17 21.70
C VAL A 67 15.53 22.55 22.32
N GLU A 68 15.50 23.63 23.09
CA GLU A 68 14.26 24.04 23.75
CA GLU A 68 14.25 24.03 23.75
C GLU A 68 13.17 24.35 22.72
N GLY A 69 13.50 25.13 21.70
CA GLY A 69 12.54 25.44 20.67
C GLY A 69 12.20 24.24 19.81
N TYR A 70 13.20 23.39 19.54
CA TYR A 70 12.95 22.19 18.76
C TYR A 70 11.98 21.27 19.49
N LEU A 71 12.11 21.15 20.81
CA LEU A 71 11.19 20.33 21.58
C LEU A 71 9.76 20.87 21.50
N ARG A 72 9.62 22.20 21.66
CA ARG A 72 8.31 22.82 21.47
C ARG A 72 7.75 22.53 20.09
N PHE A 73 8.61 22.51 19.07
CA PHE A 73 8.17 22.18 17.72
C PHE A 73 7.72 20.73 17.61
N LEU A 74 8.48 19.81 18.23
CA LEU A 74 8.14 18.40 18.14
C LEU A 74 6.86 18.09 18.92
N VAL A 75 6.69 18.71 20.08
CA VAL A 75 5.47 18.51 20.85
C VAL A 75 4.26 19.06 20.09
N ASP A 76 4.38 20.28 19.57
CA ASP A 76 3.26 20.87 18.83
C ASP A 76 3.01 20.13 17.52
N SER A 77 4.06 19.65 16.85
CA SER A 77 3.86 18.79 15.69
C SER A 77 3.16 17.50 16.08
N LYS A 78 3.53 16.91 17.21
CA LYS A 78 2.94 15.63 17.63
C LYS A 78 1.44 15.76 17.80
N LEU A 79 0.96 16.88 18.35
CA LEU A 79 -0.47 17.08 18.52
C LEU A 79 -1.16 17.11 17.16
N VAL A 80 -0.56 17.81 16.19
CA VAL A 80 -1.14 17.91 14.86
C VAL A 80 -1.19 16.53 14.19
N TYR A 81 -0.08 15.78 14.27
CA TYR A 81 -0.07 14.46 13.65
C TYR A 81 -0.99 13.49 14.38
N ASP A 82 -1.03 13.57 15.72
CA ASP A 82 -2.01 12.78 16.48
C ASP A 82 -3.42 13.04 15.96
N THR A 83 -3.77 14.32 15.79
CA THR A 83 -5.10 14.69 15.34
C THR A 83 -5.38 14.14 13.95
N LEU A 84 -4.47 14.38 13.00
CA LEU A 84 -4.65 13.87 11.64
C LEU A 84 -4.82 12.36 11.63
N GLU A 85 -3.92 11.65 12.33
CA GLU A 85 -3.91 10.20 12.24
C GLU A 85 -5.10 9.58 12.96
N LEU A 86 -5.56 10.20 14.06
CA LEU A 86 -6.73 9.70 14.75
C LEU A 86 -8.00 9.93 13.94
N ILE A 87 -8.12 11.10 13.30
CA ILE A 87 -9.26 11.34 12.42
C ILE A 87 -9.35 10.27 11.35
N ILE A 88 -8.21 9.92 10.75
CA ILE A 88 -8.22 8.99 9.62
C ILE A 88 -8.50 7.57 10.10
N GLN A 89 -7.89 7.16 11.21
CA GLN A 89 -8.04 5.77 11.65
C GLN A 89 -9.46 5.48 12.10
N ASP A 90 -10.16 6.48 12.64
CA ASP A 90 -11.49 6.30 13.21
C ASP A 90 -12.59 6.64 12.22
N SER A 91 -12.27 7.03 11.00
CA SER A 91 -13.27 7.49 10.05
C SER A 91 -13.78 6.35 9.17
N ASN A 92 -15.07 6.43 8.82
CA ASN A 92 -15.65 5.59 7.80
C ASN A 92 -15.97 6.36 6.53
N PHE A 93 -15.73 7.67 6.52
CA PHE A 93 -15.87 8.48 5.32
C PHE A 93 -14.86 7.99 4.28
N PRO A 94 -15.31 7.45 3.14
CA PRO A 94 -14.36 6.83 2.20
C PRO A 94 -13.21 7.73 1.77
N THR A 95 -13.41 9.05 1.67
CA THR A 95 -12.31 9.94 1.32
C THR A 95 -11.19 9.87 2.36
N TYR A 96 -11.54 9.88 3.64
CA TYR A 96 -10.53 9.83 4.70
C TYR A 96 -9.96 8.42 4.84
N ALA A 97 -10.82 7.40 4.80
CA ALA A 97 -10.38 6.01 4.97
C ALA A 97 -9.40 5.57 3.89
N GLU A 98 -9.40 6.24 2.73
CA GLU A 98 -8.41 5.95 1.70
C GLU A 98 -6.98 6.10 2.22
N PHE A 99 -6.77 6.86 3.30
CA PHE A 99 -5.42 7.20 3.75
C PHE A 99 -5.08 6.55 5.09
N LYS A 100 -5.75 5.47 5.44
CA LYS A 100 -5.27 4.64 6.53
C LYS A 100 -4.02 3.90 6.09
N ASN A 101 -3.08 3.72 7.03
CA ASN A 101 -1.86 2.94 6.83
C ASN A 101 -1.13 3.33 5.55
N THR A 102 -0.74 4.60 5.49
CA THR A 102 0.05 5.08 4.37
C THR A 102 1.54 4.76 4.53
N GLY A 103 2.01 4.50 5.74
CA GLY A 103 3.43 4.47 6.00
C GLY A 103 4.01 5.83 6.34
N LEU A 104 3.25 6.91 6.13
CA LEU A 104 3.72 8.27 6.41
C LEU A 104 3.45 8.71 7.85
N GLU A 105 2.63 7.95 8.59
CA GLU A 105 2.20 8.35 9.92
C GLU A 105 3.39 8.65 10.83
N ARG A 106 3.24 9.70 11.65
CA ARG A 106 4.36 10.23 12.45
C ARG A 106 4.14 10.22 13.96
N ALA A 107 2.91 9.99 14.44
CA ALA A 107 2.63 10.20 15.87
C ALA A 107 3.49 9.31 16.76
N GLU A 108 3.58 8.01 16.44
CA GLU A 108 4.36 7.10 17.25
C GLU A 108 5.86 7.38 17.16
N LYS A 109 6.35 7.74 15.97
CA LYS A 109 7.76 8.10 15.83
C LYS A 109 8.09 9.30 16.71
N LEU A 110 7.21 10.30 16.75
CA LEU A 110 7.45 11.48 17.58
C LEU A 110 7.43 11.11 19.06
N SER A 111 6.57 10.17 19.44
CA SER A 111 6.57 9.67 20.82
C SER A 111 7.92 9.07 21.17
N THR A 112 8.46 8.24 20.28
CA THR A 112 9.79 7.66 20.50
C THR A 112 10.85 8.75 20.63
N ASP A 113 10.77 9.79 19.79
CA ASP A 113 11.78 10.83 19.82
C ASP A 113 11.61 11.74 21.03
N LEU A 114 10.37 12.04 21.42
CA LEU A 114 10.17 12.73 22.68
C LEU A 114 10.69 11.92 23.85
N GLU A 115 10.58 10.59 23.75
CA GLU A 115 11.14 9.72 24.79
C GLU A 115 12.66 9.81 24.82
N TRP A 116 13.28 9.95 23.66
CA TRP A 116 14.74 10.05 23.60
C TRP A 116 15.22 11.35 24.22
N PHE A 117 14.50 12.45 24.01
CA PHE A 117 14.86 13.72 24.65
C PHE A 117 14.68 13.66 26.17
N LYS A 118 13.71 12.87 26.65
CA LYS A 118 13.53 12.74 28.09
C LYS A 118 14.70 12.00 28.72
N GLU A 119 15.17 10.93 28.08
CA GLU A 119 16.30 10.18 28.62
C GLU A 119 17.62 10.96 28.49
N GLN A 120 17.72 11.88 27.53
CA GLN A 120 18.88 12.77 27.46
C GLN A 120 18.87 13.82 28.56
N GLY A 121 17.78 13.95 29.32
CA GLY A 121 17.73 14.87 30.43
C GLY A 121 16.85 16.08 30.23
N TYR A 122 16.20 16.22 29.09
CA TYR A 122 15.37 17.39 28.83
C TYR A 122 13.95 17.15 29.30
N GLU A 123 13.29 18.22 29.74
CA GLU A 123 11.88 18.14 30.09
C GLU A 123 11.03 18.46 28.88
N ILE A 124 9.97 17.68 28.70
CA ILE A 124 9.11 17.78 27.53
C ILE A 124 8.07 18.85 27.80
N PRO A 125 7.96 19.88 26.98
CA PRO A 125 6.97 20.93 27.22
C PRO A 125 5.57 20.46 26.86
N GLU A 126 4.61 21.21 27.32
CA GLU A 126 3.22 20.98 26.99
C GLU A 126 2.87 21.68 25.67
N PRO A 127 1.92 21.16 24.93
CA PRO A 127 1.53 21.80 23.66
C PRO A 127 1.11 23.26 23.87
N THR A 128 1.60 24.13 23.00
CA THR A 128 1.29 25.54 23.06
C THR A 128 0.28 25.90 21.98
N ALA A 129 -0.07 27.18 21.90
CA ALA A 129 -1.13 27.63 21.00
C ALA A 129 -0.95 27.22 19.54
N PRO A 130 0.25 27.33 18.92
CA PRO A 130 0.35 26.94 17.50
C PRO A 130 -0.10 25.53 17.21
N GLY A 131 0.25 24.56 18.06
CA GLY A 131 -0.21 23.20 17.84
C GLY A 131 -1.67 23.02 18.21
N LYS A 132 -2.11 23.65 19.31
CA LYS A 132 -3.50 23.51 19.75
C LYS A 132 -4.45 24.14 18.74
N THR A 133 -4.12 25.34 18.25
CA THR A 133 -4.99 26.00 17.28
C THR A 133 -5.07 25.20 15.98
N TYR A 134 -3.93 24.72 15.49
CA TYR A 134 -3.94 23.95 14.24
C TYR A 134 -4.72 22.66 14.41
N SER A 135 -4.43 21.92 15.49
CA SER A 135 -5.14 20.67 15.75
C SER A 135 -6.65 20.91 15.85
N GLN A 136 -7.04 22.00 16.52
CA GLN A 136 -8.46 22.32 16.64
C GLN A 136 -9.07 22.66 15.29
N TYR A 137 -8.33 23.42 14.47
CA TYR A 137 -8.84 23.79 13.14
C TYR A 137 -8.99 22.56 12.25
N LEU A 138 -8.10 21.58 12.38
CA LEU A 138 -8.17 20.40 11.52
C LEU A 138 -9.40 19.55 11.85
N LYS A 139 -9.74 19.43 13.14
CA LYS A 139 -10.93 18.67 13.51
C LYS A 139 -12.20 19.30 12.93
N GLU A 140 -12.30 20.62 13.02
CA GLU A 140 -13.46 21.31 12.46
C GLU A 140 -13.58 21.07 10.96
N LEU A 141 -12.46 21.15 10.23
CA LEU A 141 -12.48 20.92 8.79
C LEU A 141 -12.83 19.47 8.47
N ALA A 142 -12.31 18.53 9.26
CA ALA A 142 -12.61 17.12 9.02
C ALA A 142 -14.10 16.84 9.11
N GLU A 143 -14.80 17.56 9.97
CA GLU A 143 -16.24 17.37 10.12
C GLU A 143 -17.03 18.09 9.03
N LYS A 144 -16.54 19.24 8.55
CA LYS A 144 -17.36 20.15 7.76
C LYS A 144 -16.89 20.39 6.34
N ASP A 145 -15.61 20.18 6.02
CA ASP A 145 -15.04 20.61 4.74
C ASP A 145 -13.96 19.62 4.32
N PRO A 146 -14.35 18.52 3.68
CA PRO A 146 -13.34 17.51 3.32
C PRO A 146 -12.32 18.00 2.32
N GLN A 147 -12.72 18.88 1.39
CA GLN A 147 -11.78 19.43 0.42
C GLN A 147 -10.67 20.22 1.12
N ALA A 148 -11.04 21.07 2.07
CA ALA A 148 -10.02 21.82 2.80
C ALA A 148 -9.17 20.88 3.66
N PHE A 149 -9.81 19.90 4.31
CA PHE A 149 -9.08 18.96 5.15
C PHE A 149 -8.02 18.21 4.36
N ILE A 150 -8.38 17.76 3.15
CA ILE A 150 -7.44 17.02 2.32
C ILE A 150 -6.26 17.91 1.92
N CYS A 151 -6.52 19.19 1.68
CA CYS A 151 -5.42 20.10 1.35
C CYS A 151 -4.40 20.15 2.47
N HIS A 152 -4.86 20.29 3.72
CA HIS A 152 -3.93 20.30 4.83
C HIS A 152 -3.23 18.96 4.98
N PHE A 153 -3.97 17.87 4.80
CA PHE A 153 -3.37 16.55 4.84
C PHE A 153 -2.19 16.46 3.89
N TYR A 154 -2.40 16.86 2.65
CA TYR A 154 -1.34 16.81 1.65
C TYR A 154 -0.17 17.69 2.05
N ASN A 155 -0.46 18.94 2.42
CA ASN A 155 0.62 19.89 2.67
C ASN A 155 1.40 19.54 3.93
N ILE A 156 0.75 18.97 4.95
CA ILE A 156 1.47 18.65 6.18
C ILE A 156 2.42 17.49 5.97
N TYR A 157 1.94 16.40 5.37
CA TYR A 157 2.80 15.24 5.17
C TYR A 157 3.85 15.48 4.10
N PHE A 158 3.45 16.07 2.97
CA PHE A 158 4.42 16.22 1.89
C PHE A 158 5.41 17.36 2.13
N ALA A 159 5.06 18.35 2.95
CA ALA A 159 6.08 19.28 3.42
C ALA A 159 7.14 18.56 4.22
N HIS A 160 6.71 17.68 5.13
CA HIS A 160 7.63 17.05 6.06
C HIS A 160 8.68 16.21 5.35
N SER A 161 8.29 15.48 4.30
CA SER A 161 9.25 14.70 3.54
C SER A 161 10.00 15.50 2.49
N ALA A 162 9.77 16.82 2.40
CA ALA A 162 10.50 17.65 1.46
C ALA A 162 11.38 18.59 2.26
N GLY A 163 10.96 19.84 2.50
CA GLY A 163 11.76 20.74 3.30
C GLY A 163 11.89 20.31 4.75
N GLY A 164 10.95 19.51 5.25
CA GLY A 164 11.05 19.07 6.64
C GLY A 164 12.31 18.27 6.90
N ARG A 165 12.73 17.47 5.93
CA ARG A 165 13.96 16.70 6.10
C ARG A 165 15.19 17.59 6.07
N MET A 166 15.19 18.63 5.22
CA MET A 166 16.28 19.60 5.24
C MET A 166 16.40 20.26 6.61
N ILE A 167 15.27 20.62 7.21
CA ILE A 167 15.28 21.23 8.53
C ILE A 167 15.79 20.25 9.57
N GLY A 168 15.31 19.01 9.49
CA GLY A 168 15.74 18.01 10.46
C GLY A 168 17.22 17.74 10.42
N ARG A 169 17.79 17.68 9.21
CA ARG A 169 19.22 17.50 9.07
C ARG A 169 19.99 18.68 9.67
N LYS A 170 19.58 19.91 9.33
CA LYS A 170 20.23 21.08 9.88
C LYS A 170 20.16 21.11 11.39
N VAL A 171 19.01 20.74 11.96
CA VAL A 171 18.89 20.70 13.41
C VAL A 171 19.78 19.61 13.99
N ALA A 172 19.82 18.44 13.35
CA ALA A 172 20.65 17.35 13.84
C ALA A 172 22.13 17.74 13.83
N GLU A 173 22.59 18.32 12.73
CA GLU A 173 24.00 18.72 12.64
C GLU A 173 24.36 19.75 13.71
N ARG A 174 23.48 20.72 13.95
CA ARG A 174 23.88 21.87 14.76
C ARG A 174 23.76 21.61 16.27
N ILE A 175 22.71 20.92 16.72
CA ILE A 175 22.43 20.82 18.14
C ILE A 175 22.17 19.40 18.63
N LEU A 176 22.11 18.41 17.73
CA LEU A 176 21.79 17.04 18.16
C LEU A 176 22.93 16.06 17.92
N ASP A 177 24.09 16.55 17.47
CA ASP A 177 25.25 15.69 17.17
C ASP A 177 24.87 14.56 16.23
N ASN A 178 24.06 14.89 15.22
CA ASN A 178 23.74 14.01 14.10
C ASN A 178 22.85 12.83 14.47
N LYS A 179 22.20 12.89 15.63
CA LYS A 179 21.13 11.95 15.93
C LYS A 179 20.08 12.01 14.83
N GLU A 180 19.77 10.86 14.25
CA GLU A 180 18.74 10.74 13.23
C GLU A 180 17.46 10.25 13.92
N LEU A 181 16.55 11.17 14.19
CA LEU A 181 15.33 10.83 14.93
C LEU A 181 14.38 9.98 14.08
N GLU A 182 13.50 9.24 14.77
CA GLU A 182 12.50 8.43 14.08
C GLU A 182 11.52 9.27 13.28
N PHE A 183 11.33 10.54 13.68
CA PHE A 183 10.51 11.49 12.94
C PHE A 183 10.91 11.56 11.47
N TYR A 184 12.19 11.32 11.16
CA TYR A 184 12.72 11.41 9.81
C TYR A 184 13.09 10.05 9.25
N LYS A 185 12.42 9.00 9.70
CA LYS A 185 12.61 7.64 9.21
C LYS A 185 11.27 7.08 8.74
N TRP A 186 11.32 6.29 7.68
CA TRP A 186 10.13 5.65 7.14
C TRP A 186 10.39 4.16 7.01
N ASP A 187 9.38 3.35 7.36
CA ASP A 187 9.54 1.90 7.39
C ASP A 187 9.67 1.32 6.00
N GLY A 188 8.91 1.84 5.03
CA GLY A 188 9.08 1.49 3.64
C GLY A 188 10.00 2.47 2.95
N GLU A 189 10.02 2.38 1.61
CA GLU A 189 10.81 3.31 0.82
CA GLU A 189 10.80 3.31 0.80
C GLU A 189 10.00 4.58 0.57
N LEU A 190 10.56 5.73 0.98
CA LEU A 190 9.80 6.97 1.03
C LEU A 190 9.17 7.33 -0.31
N SER A 191 9.95 7.27 -1.40
CA SER A 191 9.45 7.77 -2.68
C SER A 191 8.26 6.95 -3.18
N GLN A 192 8.23 5.65 -2.88
CA GLN A 192 7.07 4.86 -3.26
C GLN A 192 5.87 5.16 -2.36
N LEU A 193 6.12 5.31 -1.05
CA LEU A 193 5.04 5.67 -0.13
C LEU A 193 4.39 6.99 -0.55
N LEU A 194 5.19 7.97 -0.95
CA LEU A 194 4.65 9.25 -1.38
C LEU A 194 3.82 9.10 -2.65
N GLN A 195 4.32 8.33 -3.62
CA GLN A 195 3.60 8.17 -4.88
C GLN A 195 2.29 7.42 -4.68
N ASN A 196 2.27 6.45 -3.75
CA ASN A 196 1.04 5.76 -3.42
C ASN A 196 -0.01 6.74 -2.89
N VAL A 197 0.41 7.63 -1.98
CA VAL A 197 -0.50 8.64 -1.45
C VAL A 197 -0.93 9.62 -2.54
N ARG A 198 0.01 10.02 -3.40
CA ARG A 198 -0.36 10.88 -4.54
C ARG A 198 -1.46 10.24 -5.36
N GLU A 199 -1.31 8.96 -5.70
CA GLU A 199 -2.34 8.29 -6.50
C GLU A 199 -3.67 8.27 -5.76
N LYS A 200 -3.64 8.05 -4.45
CA LYS A 200 -4.88 8.04 -3.67
C LYS A 200 -5.52 9.42 -3.61
N LEU A 201 -4.70 10.47 -3.59
CA LEU A 201 -5.24 11.83 -3.65
C LEU A 201 -5.91 12.09 -4.99
N ASN A 202 -5.25 11.70 -6.08
CA ASN A 202 -5.87 11.80 -7.40
C ASN A 202 -7.15 11.00 -7.47
N LYS A 203 -7.18 9.84 -6.82
CA LYS A 203 -8.38 9.01 -6.83
C LYS A 203 -9.55 9.71 -6.14
N VAL A 204 -9.34 10.26 -4.94
CA VAL A 204 -10.44 10.92 -4.25
C VAL A 204 -10.86 12.18 -4.99
N ALA A 205 -9.91 12.90 -5.61
CA ALA A 205 -10.25 14.15 -6.28
C ALA A 205 -11.05 13.93 -7.55
N GLU A 206 -10.93 12.76 -8.18
CA GLU A 206 -11.73 12.50 -9.36
C GLU A 206 -13.21 12.34 -9.05
N GLU A 207 -13.57 12.18 -7.77
CA GLU A 207 -14.96 12.19 -7.35
C GLU A 207 -15.37 13.54 -6.76
N TRP A 208 -14.61 14.59 -7.06
CA TRP A 208 -14.93 15.95 -6.66
C TRP A 208 -15.38 16.74 -7.88
N THR A 209 -16.17 17.77 -7.62
CA THR A 209 -16.45 18.76 -8.66
C THR A 209 -15.24 19.67 -8.86
N ARG A 210 -15.24 20.37 -10.00
CA ARG A 210 -14.17 21.32 -10.27
C ARG A 210 -14.11 22.42 -9.21
N GLU A 211 -15.27 22.91 -8.78
CA GLU A 211 -15.29 23.90 -7.70
C GLU A 211 -14.68 23.33 -6.42
N GLU A 212 -15.03 22.08 -6.09
CA GLU A 212 -14.47 21.46 -4.89
C GLU A 212 -12.96 21.33 -4.99
N LYS A 213 -12.46 20.91 -6.16
CA LYS A 213 -11.02 20.94 -6.39
C LYS A 213 -10.47 22.33 -6.16
N ASN A 214 -11.16 23.36 -6.67
CA ASN A 214 -10.70 24.73 -6.53
C ASN A 214 -10.67 25.15 -5.07
N HIS A 215 -11.66 24.72 -4.28
CA HIS A 215 -11.69 25.06 -2.87
C HIS A 215 -10.50 24.45 -2.14
N CYS A 216 -10.18 23.21 -2.46
CA CYS A 216 -8.98 22.56 -1.92
C CYS A 216 -7.73 23.38 -2.18
N LEU A 217 -7.54 23.84 -3.43
CA LEU A 217 -6.33 24.58 -3.78
C LEU A 217 -6.28 25.93 -3.07
N GLU A 218 -7.42 26.60 -2.94
CA GLU A 218 -7.45 27.90 -2.25
C GLU A 218 -7.14 27.78 -0.76
N GLU A 219 -7.23 26.57 -0.20
CA GLU A 219 -6.94 26.34 1.21
C GLU A 219 -5.44 26.33 1.50
N THR A 220 -4.60 26.21 0.47
CA THR A 220 -3.19 25.96 0.67
C THR A 220 -2.52 27.05 1.50
N GLU A 221 -2.88 28.32 1.26
CA GLU A 221 -2.29 29.41 2.04
C GLU A 221 -2.53 29.23 3.54
N LYS A 222 -3.75 28.86 3.93
CA LYS A 222 -4.00 28.64 5.35
C LYS A 222 -3.09 27.55 5.91
N SER A 223 -2.81 26.53 5.10
CA SER A 223 -1.95 25.44 5.57
C SER A 223 -0.52 25.93 5.80
N PHE A 224 -0.01 26.82 4.92
CA PHE A 224 1.30 27.42 5.16
C PHE A 224 1.29 28.27 6.40
N LYS A 225 0.20 29.02 6.63
CA LYS A 225 0.12 29.90 7.79
C LYS A 225 0.13 29.12 9.09
N TYR A 226 -0.70 28.09 9.20
CA TYR A 226 -0.72 27.27 10.42
C TYR A 226 0.57 26.49 10.60
N SER A 227 1.08 25.87 9.52
CA SER A 227 2.34 25.15 9.64
C SER A 227 3.49 26.10 9.94
N GLY A 228 3.48 27.28 9.32
CA GLY A 228 4.56 28.23 9.53
C GLY A 228 4.70 28.65 10.98
N GLU A 229 3.58 28.79 11.70
CA GLU A 229 3.65 29.20 13.09
C GLU A 229 4.24 28.11 13.97
N ILE A 230 4.07 26.84 13.57
CA ILE A 230 4.69 25.73 14.31
C ILE A 230 6.19 25.68 14.04
N LEU A 231 6.58 25.79 12.76
CA LEU A 231 7.99 25.80 12.40
C LEU A 231 8.75 26.89 13.15
N ARG A 232 8.10 28.05 13.32
CA ARG A 232 8.71 29.18 14.02
C ARG A 232 9.17 28.80 15.42
N LEU A 233 8.53 27.81 16.06
CA LEU A 233 8.91 27.41 17.40
C LEU A 233 10.37 26.94 17.46
N ILE A 234 10.86 26.33 16.37
CA ILE A 234 12.25 25.89 16.30
C ILE A 234 13.20 27.05 16.58
N LEU A 235 12.81 28.26 16.17
CA LEU A 235 13.66 29.44 16.27
C LEU A 235 13.29 30.36 17.43
N SER A 236 12.29 30.00 18.23
CA SER A 236 11.86 30.83 19.36
C SER A 236 12.55 30.46 20.67
N SER B 25 7.97 -2.67 -24.25
CA SER B 25 8.19 -2.96 -22.84
C SER B 25 7.41 -2.00 -21.93
N LYS B 26 6.25 -2.47 -21.46
CA LYS B 26 5.44 -1.77 -20.48
C LYS B 26 5.81 -2.12 -19.04
N GLY B 27 7.05 -2.54 -18.82
CA GLY B 27 7.43 -3.10 -17.54
C GLY B 27 7.35 -4.62 -17.54
N PHE B 28 8.05 -5.23 -16.58
CA PHE B 28 8.20 -6.68 -16.60
C PHE B 28 6.87 -7.41 -16.40
N VAL B 29 5.95 -6.83 -15.63
CA VAL B 29 4.68 -7.50 -15.37
C VAL B 29 3.90 -7.74 -16.66
N GLU B 30 4.04 -6.83 -17.62
CA GLU B 30 3.35 -7.04 -18.89
C GLU B 30 3.94 -8.23 -19.64
N GLU B 31 5.25 -8.48 -19.48
CA GLU B 31 5.83 -9.68 -20.06
C GLU B 31 5.29 -10.94 -19.39
N MET B 32 5.20 -10.92 -18.06
CA MET B 32 4.66 -12.07 -17.34
C MET B 32 3.23 -12.35 -17.75
N ARG B 33 2.44 -11.29 -17.95
CA ARG B 33 1.05 -11.48 -18.36
C ARG B 33 0.96 -11.99 -19.79
N PHE B 34 1.78 -11.44 -20.69
CA PHE B 34 1.79 -11.91 -22.07
C PHE B 34 2.08 -13.40 -22.15
N VAL B 35 3.10 -13.86 -21.41
CA VAL B 35 3.43 -15.28 -21.41
C VAL B 35 2.29 -16.11 -20.83
N ALA B 36 1.65 -15.60 -19.77
CA ALA B 36 0.57 -16.34 -19.13
C ALA B 36 -0.67 -16.44 -20.00
N MET B 37 -1.03 -15.36 -20.71
CA MET B 37 -2.25 -15.40 -21.53
C MET B 37 -2.09 -16.38 -22.69
N ARG B 38 -0.89 -16.45 -23.26
CA ARG B 38 -0.62 -17.39 -24.34
C ARG B 38 -0.84 -18.83 -23.90
N LEU B 39 -0.69 -19.12 -22.61
CA LEU B 39 -0.83 -20.47 -22.08
C LEU B 39 -2.27 -20.83 -21.72
N HIS B 40 -3.21 -19.90 -21.87
CA HIS B 40 -4.61 -20.27 -21.75
C HIS B 40 -5.09 -20.98 -23.00
N THR B 41 -6.24 -21.65 -22.88
CA THR B 41 -6.91 -22.09 -24.09
C THR B 41 -7.68 -20.92 -24.68
N LYS B 42 -8.03 -21.06 -25.96
CA LYS B 42 -8.98 -20.12 -26.55
C LYS B 42 -10.35 -20.25 -25.88
N ASP B 43 -10.65 -21.43 -25.32
CA ASP B 43 -11.85 -21.61 -24.50
C ASP B 43 -11.84 -20.79 -23.22
N GLN B 44 -10.72 -20.15 -22.88
CA GLN B 44 -10.58 -19.38 -21.66
C GLN B 44 -10.39 -17.89 -21.88
N ALA B 45 -9.66 -17.48 -22.92
CA ALA B 45 -9.37 -16.06 -23.08
C ALA B 45 -8.96 -15.77 -24.51
N LYS B 46 -9.15 -14.51 -24.90
CA LYS B 46 -8.80 -13.98 -26.21
C LYS B 46 -7.43 -14.44 -26.72
N GLU B 47 -6.38 -14.21 -25.92
CA GLU B 47 -5.01 -14.46 -26.33
C GLU B 47 -4.60 -15.92 -26.24
N GLY B 48 -5.47 -16.80 -25.76
CA GLY B 48 -5.08 -18.18 -25.54
C GLY B 48 -4.66 -18.84 -26.84
N GLU B 49 -3.63 -19.68 -26.75
CA GLU B 49 -3.15 -20.48 -27.87
C GLU B 49 -3.12 -21.97 -27.58
N LYS B 50 -3.52 -22.38 -26.37
CA LYS B 50 -3.54 -23.78 -26.02
C LYS B 50 -4.83 -24.43 -26.54
N GLU B 51 -4.72 -25.68 -26.96
CA GLU B 51 -5.91 -26.45 -27.31
C GLU B 51 -6.60 -26.96 -26.04
N THR B 52 -7.90 -27.18 -26.15
CA THR B 52 -8.69 -27.70 -25.04
C THR B 52 -8.53 -29.22 -24.99
N LYS B 53 -7.72 -29.71 -24.05
CA LYS B 53 -7.42 -31.13 -23.94
C LYS B 53 -7.93 -31.76 -22.66
N SER B 54 -8.01 -31.02 -21.56
CA SER B 54 -8.40 -31.58 -20.28
C SER B 54 -9.71 -30.98 -19.81
N ILE B 55 -10.32 -31.65 -18.84
CA ILE B 55 -11.66 -31.25 -18.40
C ILE B 55 -11.65 -29.89 -17.73
N GLU B 56 -10.55 -29.52 -17.06
CA GLU B 56 -10.45 -28.21 -16.45
C GLU B 56 -10.21 -27.09 -17.46
N GLU B 57 -9.99 -27.42 -18.73
CA GLU B 57 -9.82 -26.43 -19.77
C GLU B 57 -11.11 -26.17 -20.54
N ARG B 58 -12.22 -26.81 -20.15
CA ARG B 58 -13.50 -26.56 -20.78
C ARG B 58 -14.01 -25.16 -20.41
N PRO B 59 -14.80 -24.54 -21.28
CA PRO B 59 -15.43 -23.26 -20.92
C PRO B 59 -16.10 -23.37 -19.56
N VAL B 60 -15.88 -22.35 -18.72
CA VAL B 60 -16.41 -22.36 -17.35
C VAL B 60 -17.92 -22.58 -17.35
N ALA B 61 -18.62 -22.01 -18.35
CA ALA B 61 -20.06 -22.17 -18.44
C ALA B 61 -20.48 -23.63 -18.58
N LYS B 62 -19.60 -24.52 -19.02
CA LYS B 62 -19.90 -25.93 -19.18
C LYS B 62 -19.51 -26.76 -17.97
N TRP B 63 -18.86 -26.18 -16.97
CA TRP B 63 -18.36 -26.95 -15.83
C TRP B 63 -19.50 -27.49 -14.98
N GLU B 64 -19.27 -28.68 -14.42
CA GLU B 64 -20.21 -29.32 -13.50
C GLU B 64 -19.45 -29.62 -12.21
N PRO B 65 -19.29 -28.63 -11.34
CA PRO B 65 -18.62 -28.89 -10.05
C PRO B 65 -19.54 -29.63 -9.10
N THR B 66 -18.92 -30.24 -8.09
CA THR B 66 -19.62 -30.79 -6.95
C THR B 66 -19.08 -30.14 -5.69
N VAL B 67 -19.92 -30.10 -4.65
CA VAL B 67 -19.45 -29.53 -3.39
C VAL B 67 -18.24 -30.29 -2.88
N GLU B 68 -18.24 -31.62 -3.04
CA GLU B 68 -17.11 -32.43 -2.57
C GLU B 68 -15.83 -32.05 -3.31
N GLY B 69 -15.89 -31.92 -4.63
CA GLY B 69 -14.72 -31.52 -5.38
C GLY B 69 -14.31 -30.09 -5.09
N TYR B 70 -15.29 -29.20 -4.90
CA TYR B 70 -14.98 -27.82 -4.56
C TYR B 70 -14.26 -27.73 -3.22
N LEU B 71 -14.67 -28.55 -2.25
CA LEU B 71 -13.99 -28.55 -0.95
C LEU B 71 -12.55 -29.02 -1.09
N ARG B 72 -12.32 -30.11 -1.82
CA ARG B 72 -10.95 -30.55 -2.06
C ARG B 72 -10.12 -29.46 -2.72
N PHE B 73 -10.74 -28.69 -3.61
CA PHE B 73 -10.05 -27.58 -4.24
C PHE B 73 -9.72 -26.50 -3.22
N LEU B 74 -10.66 -26.19 -2.32
CA LEU B 74 -10.43 -25.13 -1.35
C LEU B 74 -9.37 -25.54 -0.33
N VAL B 75 -9.40 -26.79 0.12
CA VAL B 75 -8.39 -27.25 1.08
C VAL B 75 -7.01 -27.26 0.45
N ASP B 76 -6.90 -27.78 -0.79
CA ASP B 76 -5.61 -27.80 -1.46
C ASP B 76 -5.14 -26.39 -1.81
N SER B 77 -6.08 -25.51 -2.19
CA SER B 77 -5.72 -24.11 -2.37
C SER B 77 -5.27 -23.49 -1.06
N LYS B 78 -5.96 -23.82 0.04
CA LYS B 78 -5.61 -23.24 1.33
C LYS B 78 -4.17 -23.58 1.72
N LEU B 79 -3.73 -24.81 1.44
CA LEU B 79 -2.35 -25.19 1.75
C LEU B 79 -1.36 -24.36 0.92
N VAL B 80 -1.67 -24.14 -0.35
CA VAL B 80 -0.79 -23.36 -1.22
C VAL B 80 -0.74 -21.91 -0.75
N TYR B 81 -1.90 -21.32 -0.44
CA TYR B 81 -1.89 -19.95 0.05
C TYR B 81 -1.26 -19.83 1.42
N ASP B 82 -1.50 -20.81 2.30
CA ASP B 82 -0.80 -20.86 3.59
C ASP B 82 0.70 -20.86 3.38
N THR B 83 1.19 -21.70 2.46
CA THR B 83 2.63 -21.77 2.21
C THR B 83 3.17 -20.44 1.69
N LEU B 84 2.54 -19.90 0.64
CA LEU B 84 3.00 -18.63 0.07
C LEU B 84 3.00 -17.53 1.13
N GLU B 85 1.91 -17.41 1.87
CA GLU B 85 1.77 -16.28 2.79
C GLU B 85 2.69 -16.40 4.00
N LEU B 86 2.95 -17.63 4.46
CA LEU B 86 3.86 -17.82 5.57
C LEU B 86 5.31 -17.56 5.16
N ILE B 87 5.71 -18.03 3.97
CA ILE B 87 7.06 -17.75 3.47
C ILE B 87 7.30 -16.25 3.42
N ILE B 88 6.31 -15.48 2.95
CA ILE B 88 6.50 -14.04 2.76
C ILE B 88 6.54 -13.34 4.11
N GLN B 89 5.66 -13.71 5.05
CA GLN B 89 5.61 -13.01 6.31
C GLN B 89 6.86 -13.27 7.16
N ASP B 90 7.49 -14.42 7.00
CA ASP B 90 8.65 -14.80 7.79
C ASP B 90 9.97 -14.48 7.13
N SER B 91 9.96 -13.90 5.93
CA SER B 91 11.18 -13.67 5.17
C SER B 91 11.75 -12.29 5.46
N ASN B 92 13.08 -12.21 5.44
CA ASN B 92 13.78 -10.94 5.44
C ASN B 92 14.43 -10.64 4.10
N PHE B 93 14.33 -11.56 3.15
CA PHE B 93 14.80 -11.33 1.79
C PHE B 93 14.00 -10.20 1.16
N PRO B 94 14.62 -9.07 0.83
CA PRO B 94 13.85 -7.90 0.38
C PRO B 94 12.90 -8.17 -0.77
N THR B 95 13.24 -9.07 -1.68
CA THR B 95 12.31 -9.39 -2.76
C THR B 95 10.99 -9.94 -2.22
N TYR B 96 11.06 -10.85 -1.24
CA TYR B 96 9.84 -11.42 -0.70
C TYR B 96 9.12 -10.44 0.22
N ALA B 97 9.89 -9.73 1.07
CA ALA B 97 9.30 -8.80 2.03
C ALA B 97 8.55 -7.66 1.33
N GLU B 98 8.89 -7.36 0.08
CA GLU B 98 8.13 -6.37 -0.67
C GLU B 98 6.65 -6.72 -0.73
N PHE B 99 6.28 -7.98 -0.53
CA PHE B 99 4.91 -8.45 -0.73
C PHE B 99 4.23 -8.85 0.56
N LYS B 100 4.71 -8.36 1.70
CA LYS B 100 3.95 -8.45 2.93
C LYS B 100 2.74 -7.52 2.84
N ASN B 101 1.61 -7.97 3.40
CA ASN B 101 0.39 -7.18 3.53
C ASN B 101 -0.01 -6.50 2.22
N THR B 102 -0.24 -7.33 1.21
CA THR B 102 -0.71 -6.83 -0.08
C THR B 102 -2.20 -6.56 -0.11
N GLY B 103 -2.96 -7.13 0.82
CA GLY B 103 -4.41 -7.17 0.71
C GLY B 103 -4.95 -8.33 -0.09
N LEU B 104 -4.08 -9.07 -0.79
CA LEU B 104 -4.49 -10.21 -1.60
C LEU B 104 -4.49 -11.53 -0.83
N GLU B 105 -3.92 -11.55 0.38
CA GLU B 105 -3.78 -12.80 1.13
C GLU B 105 -5.13 -13.50 1.30
N ARG B 106 -5.12 -14.83 1.17
CA ARG B 106 -6.33 -15.63 1.12
C ARG B 106 -6.44 -16.67 2.23
N ALA B 107 -5.36 -16.94 2.98
CA ALA B 107 -5.36 -18.08 3.90
C ALA B 107 -6.48 -17.99 4.93
N GLU B 108 -6.60 -16.83 5.59
CA GLU B 108 -7.65 -16.67 6.60
C GLU B 108 -9.03 -16.65 5.97
N LYS B 109 -9.18 -16.04 4.79
CA LYS B 109 -10.47 -16.08 4.10
C LYS B 109 -10.90 -17.51 3.81
N LEU B 110 -9.95 -18.34 3.35
CA LEU B 110 -10.28 -19.74 3.08
C LEU B 110 -10.63 -20.47 4.37
N SER B 111 -9.98 -20.12 5.47
CA SER B 111 -10.33 -20.70 6.77
C SER B 111 -11.78 -20.38 7.12
N THR B 112 -12.19 -19.12 6.96
CA THR B 112 -13.57 -18.73 7.20
C THR B 112 -14.54 -19.50 6.31
N ASP B 113 -14.16 -19.71 5.06
CA ASP B 113 -15.06 -20.40 4.13
C ASP B 113 -15.12 -21.90 4.43
N LEU B 114 -13.99 -22.49 4.80
CA LEU B 114 -14.03 -23.88 5.25
C LEU B 114 -14.89 -24.04 6.50
N GLU B 115 -14.89 -23.03 7.38
CA GLU B 115 -15.76 -23.08 8.56
C GLU B 115 -17.24 -23.04 8.16
N TRP B 116 -17.56 -22.25 7.13
CA TRP B 116 -18.95 -22.15 6.69
C TRP B 116 -19.45 -23.46 6.09
N PHE B 117 -18.60 -24.17 5.35
CA PHE B 117 -19.00 -25.47 4.83
C PHE B 117 -19.20 -26.48 5.95
N LYS B 118 -18.44 -26.34 7.05
CA LYS B 118 -18.62 -27.23 8.18
C LYS B 118 -19.98 -27.01 8.84
N GLU B 119 -20.38 -25.75 9.02
CA GLU B 119 -21.68 -25.49 9.62
C GLU B 119 -22.82 -25.84 8.67
N GLN B 120 -22.58 -25.86 7.36
CA GLN B 120 -23.57 -26.36 6.42
C GLN B 120 -23.71 -27.87 6.48
N GLY B 121 -22.83 -28.57 7.20
CA GLY B 121 -22.95 -30.00 7.39
C GLY B 121 -21.92 -30.83 6.65
N TYR B 122 -20.98 -30.23 5.94
CA TYR B 122 -19.99 -30.97 5.18
C TYR B 122 -18.75 -31.23 6.03
N GLU B 123 -18.10 -32.36 5.76
CA GLU B 123 -16.84 -32.69 6.40
C GLU B 123 -15.68 -32.18 5.54
N ILE B 124 -14.69 -31.58 6.19
CA ILE B 124 -13.58 -30.94 5.50
C ILE B 124 -12.52 -32.01 5.22
N PRO B 125 -12.15 -32.24 3.97
CA PRO B 125 -11.12 -33.25 3.67
C PRO B 125 -9.73 -32.72 3.99
N GLU B 126 -8.77 -33.65 4.04
CA GLU B 126 -7.36 -33.35 4.24
C GLU B 126 -6.69 -33.05 2.90
N PRO B 127 -5.64 -32.22 2.91
CA PRO B 127 -4.95 -31.89 1.66
C PRO B 127 -4.46 -33.13 0.93
N THR B 128 -4.67 -33.15 -0.38
CA THR B 128 -4.24 -34.25 -1.22
C THR B 128 -2.98 -33.86 -2.01
N ALA B 129 -2.51 -34.79 -2.84
CA ALA B 129 -1.25 -34.62 -3.55
C ALA B 129 -1.13 -33.32 -4.36
N PRO B 130 -2.14 -32.86 -5.11
CA PRO B 130 -1.95 -31.61 -5.86
C PRO B 130 -1.56 -30.44 -4.97
N GLY B 131 -2.19 -30.30 -3.81
CA GLY B 131 -1.80 -29.23 -2.90
C GLY B 131 -0.48 -29.48 -2.19
N LYS B 132 -0.26 -30.73 -1.75
CA LYS B 132 0.97 -31.06 -1.02
C LYS B 132 2.20 -30.93 -1.92
N THR B 133 2.11 -31.44 -3.15
CA THR B 133 3.23 -31.33 -4.07
C THR B 133 3.52 -29.88 -4.42
N TYR B 134 2.47 -29.11 -4.72
CA TYR B 134 2.68 -27.72 -5.09
C TYR B 134 3.27 -26.93 -3.93
N SER B 135 2.69 -27.09 -2.73
CA SER B 135 3.21 -26.40 -1.56
C SER B 135 4.66 -26.77 -1.28
N GLN B 136 5.00 -28.04 -1.47
CA GLN B 136 6.39 -28.47 -1.27
C GLN B 136 7.31 -27.85 -2.31
N TYR B 137 6.88 -27.81 -3.58
CA TYR B 137 7.70 -27.22 -4.62
C TYR B 137 7.90 -25.73 -4.39
N LEU B 138 6.89 -25.04 -3.84
CA LEU B 138 7.01 -23.61 -3.60
C LEU B 138 8.02 -23.32 -2.49
N LYS B 139 8.05 -24.16 -1.44
CA LYS B 139 9.02 -23.96 -0.38
C LYS B 139 10.45 -24.12 -0.91
N GLU B 140 10.69 -25.12 -1.76
CA GLU B 140 12.00 -25.30 -2.35
C GLU B 140 12.39 -24.10 -3.21
N LEU B 141 11.47 -23.61 -4.03
CA LEU B 141 11.78 -22.46 -4.88
C LEU B 141 12.05 -21.21 -4.05
N ALA B 142 11.28 -21.01 -2.99
CA ALA B 142 11.50 -19.86 -2.13
C ALA B 142 12.89 -19.87 -1.54
N GLU B 143 13.43 -21.05 -1.27
CA GLU B 143 14.77 -21.14 -0.71
C GLU B 143 15.86 -21.03 -1.78
N LYS B 144 15.60 -21.49 -3.01
CA LYS B 144 16.66 -21.67 -3.99
C LYS B 144 16.55 -20.84 -5.26
N ASP B 145 15.35 -20.38 -5.64
CA ASP B 145 15.15 -19.75 -6.94
C ASP B 145 14.09 -18.67 -6.81
N PRO B 146 14.50 -17.46 -6.41
CA PRO B 146 13.51 -16.38 -6.23
C PRO B 146 12.83 -15.95 -7.52
N GLN B 147 13.54 -16.01 -8.65
CA GLN B 147 12.91 -15.69 -9.93
C GLN B 147 11.75 -16.62 -10.21
N ALA B 148 11.96 -17.93 -10.04
CA ALA B 148 10.88 -18.89 -10.26
C ALA B 148 9.78 -18.73 -9.22
N PHE B 149 10.15 -18.48 -7.96
CA PHE B 149 9.16 -18.30 -6.91
C PHE B 149 8.23 -17.13 -7.22
N ILE B 150 8.82 -16.03 -7.69
CA ILE B 150 8.03 -14.84 -8.01
C ILE B 150 7.07 -15.12 -9.16
N CYS B 151 7.51 -15.92 -10.13
CA CYS B 151 6.61 -16.29 -11.22
C CYS B 151 5.35 -16.97 -10.69
N HIS B 152 5.53 -17.94 -9.78
CA HIS B 152 4.38 -18.62 -9.21
C HIS B 152 3.54 -17.67 -8.36
N PHE B 153 4.22 -16.81 -7.58
CA PHE B 153 3.51 -15.82 -6.80
C PHE B 153 2.57 -15.02 -7.68
N TYR B 154 3.08 -14.48 -8.77
CA TYR B 154 2.27 -13.67 -9.67
C TYR B 154 1.14 -14.49 -10.27
N ASN B 155 1.45 -15.69 -10.78
CA ASN B 155 0.44 -16.45 -11.50
C ASN B 155 -0.62 -17.00 -10.56
N ILE B 156 -0.29 -17.30 -9.31
CA ILE B 156 -1.31 -17.85 -8.42
C ILE B 156 -2.29 -16.77 -8.00
N TYR B 157 -1.78 -15.62 -7.54
CA TYR B 157 -2.67 -14.58 -7.06
C TYR B 157 -3.45 -13.93 -8.19
N PHE B 158 -2.76 -13.61 -9.29
CA PHE B 158 -3.43 -12.90 -10.36
C PHE B 158 -4.35 -13.79 -11.19
N ALA B 159 -4.12 -15.10 -11.21
CA ALA B 159 -5.13 -15.99 -11.76
C ALA B 159 -6.41 -15.90 -10.94
N HIS B 160 -6.28 -15.94 -9.62
CA HIS B 160 -7.44 -16.04 -8.75
C HIS B 160 -8.36 -14.83 -8.90
N SER B 161 -7.80 -13.64 -9.01
CA SER B 161 -8.65 -12.46 -9.23
C SER B 161 -9.04 -12.27 -10.68
N ALA B 162 -8.67 -13.19 -11.58
CA ALA B 162 -9.08 -13.10 -12.97
C ALA B 162 -10.05 -14.23 -13.25
N GLY B 163 -9.60 -15.35 -13.82
CA GLY B 163 -10.50 -16.46 -14.04
C GLY B 163 -11.00 -17.10 -12.77
N GLY B 164 -10.26 -16.96 -11.66
CA GLY B 164 -10.70 -17.53 -10.41
C GLY B 164 -12.05 -17.00 -9.97
N ARG B 165 -12.32 -15.72 -10.25
CA ARG B 165 -13.60 -15.15 -9.87
C ARG B 165 -14.72 -15.69 -10.75
N MET B 166 -14.45 -15.88 -12.04
CA MET B 166 -15.43 -16.51 -12.93
C MET B 166 -15.78 -17.91 -12.45
N ILE B 167 -14.77 -18.67 -12.03
CA ILE B 167 -15.00 -20.01 -11.54
C ILE B 167 -15.82 -19.98 -10.26
N GLY B 168 -15.47 -19.06 -9.36
CA GLY B 168 -16.20 -18.97 -8.11
C GLY B 168 -17.66 -18.61 -8.31
N ARG B 169 -17.93 -17.70 -9.24
CA ARG B 169 -19.32 -17.33 -9.55
C ARG B 169 -20.08 -18.51 -10.12
N LYS B 170 -19.49 -19.21 -11.09
CA LYS B 170 -20.15 -20.38 -11.67
C LYS B 170 -20.41 -21.44 -10.61
N VAL B 171 -19.45 -21.67 -9.72
CA VAL B 171 -19.65 -22.65 -8.65
C VAL B 171 -20.74 -22.18 -7.69
N ALA B 172 -20.75 -20.90 -7.34
CA ALA B 172 -21.75 -20.37 -6.43
C ALA B 172 -23.16 -20.50 -7.01
N GLU B 173 -23.35 -20.11 -8.28
CA GLU B 173 -24.66 -20.21 -8.91
C GLU B 173 -25.16 -21.65 -8.93
N ARG B 174 -24.26 -22.59 -9.22
CA ARG B 174 -24.72 -23.94 -9.52
C ARG B 174 -24.93 -24.78 -8.27
N ILE B 175 -24.08 -24.63 -7.25
CA ILE B 175 -24.17 -25.58 -6.14
C ILE B 175 -24.18 -24.89 -4.78
N LEU B 176 -24.00 -23.57 -4.74
CA LEU B 176 -23.90 -22.87 -3.48
C LEU B 176 -25.02 -21.86 -3.23
N ASP B 177 -26.05 -21.82 -4.08
CA ASP B 177 -27.17 -20.89 -3.91
C ASP B 177 -26.68 -19.45 -3.77
N ASN B 178 -25.66 -19.10 -4.56
CA ASN B 178 -25.14 -17.74 -4.70
C ASN B 178 -24.43 -17.22 -3.46
N LYS B 179 -24.04 -18.12 -2.55
CA LYS B 179 -23.15 -17.74 -1.46
C LYS B 179 -21.87 -17.13 -2.01
N GLU B 180 -21.54 -15.92 -1.56
CA GLU B 180 -20.32 -15.22 -1.95
C GLU B 180 -19.29 -15.44 -0.86
N LEU B 181 -18.38 -16.39 -1.08
CA LEU B 181 -17.40 -16.75 -0.06
C LEU B 181 -16.38 -15.64 0.12
N GLU B 182 -15.72 -15.64 1.29
CA GLU B 182 -14.69 -14.66 1.56
C GLU B 182 -13.50 -14.82 0.64
N PHE B 183 -13.29 -16.03 0.11
CA PHE B 183 -12.25 -16.31 -0.88
C PHE B 183 -12.33 -15.34 -2.05
N TYR B 184 -13.52 -14.84 -2.37
CA TYR B 184 -13.72 -13.94 -3.51
C TYR B 184 -14.07 -12.52 -3.07
N LYS B 185 -13.60 -12.11 -1.88
CA LYS B 185 -13.78 -10.77 -1.35
C LYS B 185 -12.42 -10.17 -1.00
N TRP B 186 -12.26 -8.87 -1.22
CA TRP B 186 -11.05 -8.14 -0.89
C TRP B 186 -11.40 -6.92 -0.06
N ASP B 187 -10.55 -6.62 0.92
CA ASP B 187 -10.86 -5.55 1.87
C ASP B 187 -10.75 -4.18 1.24
N GLY B 188 -9.77 -3.96 0.37
CA GLY B 188 -9.69 -2.76 -0.43
C GLY B 188 -10.34 -2.95 -1.79
N GLU B 189 -10.12 -1.95 -2.64
CA GLU B 189 -10.55 -2.05 -4.04
C GLU B 189 -9.59 -2.96 -4.78
N LEU B 190 -10.11 -4.08 -5.32
CA LEU B 190 -9.27 -5.10 -5.92
C LEU B 190 -8.30 -4.54 -6.95
N SER B 191 -8.82 -3.72 -7.88
CA SER B 191 -7.99 -3.26 -8.98
C SER B 191 -6.82 -2.41 -8.51
N GLN B 192 -7.00 -1.66 -7.42
CA GLN B 192 -5.88 -0.90 -6.88
C GLN B 192 -4.90 -1.82 -6.17
N LEU B 193 -5.41 -2.82 -5.43
CA LEU B 193 -4.51 -3.78 -4.79
C LEU B 193 -3.65 -4.51 -5.83
N LEU B 194 -4.25 -4.86 -6.95
CA LEU B 194 -3.49 -5.55 -8.00
C LEU B 194 -2.43 -4.63 -8.59
N GLN B 195 -2.77 -3.38 -8.85
CA GLN B 195 -1.79 -2.48 -9.46
C GLN B 195 -0.63 -2.21 -8.52
N ASN B 196 -0.90 -2.14 -7.20
CA ASN B 196 0.17 -2.00 -6.23
C ASN B 196 1.13 -3.19 -6.31
N VAL B 197 0.58 -4.41 -6.38
CA VAL B 197 1.44 -5.59 -6.50
C VAL B 197 2.19 -5.58 -7.82
N ARG B 198 1.51 -5.20 -8.92
CA ARG B 198 2.18 -5.09 -10.21
C ARG B 198 3.38 -4.15 -10.13
N GLU B 199 3.20 -2.96 -9.53
CA GLU B 199 4.30 -2.02 -9.43
C GLU B 199 5.45 -2.60 -8.63
N LYS B 200 5.14 -3.33 -7.54
CA LYS B 200 6.19 -3.93 -6.73
C LYS B 200 6.90 -5.04 -7.48
N LEU B 201 6.18 -5.77 -8.34
CA LEU B 201 6.81 -6.77 -9.19
C LEU B 201 7.76 -6.12 -10.18
N ASN B 202 7.32 -5.04 -10.83
CA ASN B 202 8.22 -4.30 -11.72
C ASN B 202 9.42 -3.76 -10.97
N LYS B 203 9.22 -3.30 -9.74
CA LYS B 203 10.33 -2.80 -8.94
C LYS B 203 11.35 -3.89 -8.66
N VAL B 204 10.86 -5.06 -8.23
CA VAL B 204 11.76 -6.16 -7.88
C VAL B 204 12.49 -6.65 -9.13
N ALA B 205 11.81 -6.68 -10.27
CA ALA B 205 12.43 -7.18 -11.50
C ALA B 205 13.46 -6.22 -12.06
N GLU B 206 13.36 -4.92 -11.73
CA GLU B 206 14.33 -3.95 -12.21
C GLU B 206 15.71 -4.18 -11.59
N GLU B 207 15.78 -4.96 -10.52
CA GLU B 207 17.05 -5.38 -9.92
C GLU B 207 17.44 -6.79 -10.32
N TRP B 208 16.88 -7.32 -11.39
CA TRP B 208 17.23 -8.62 -11.94
C TRP B 208 18.01 -8.44 -13.23
N THR B 209 18.83 -9.44 -13.56
CA THR B 209 19.42 -9.50 -14.88
C THR B 209 18.39 -9.94 -15.91
N ARG B 210 18.71 -9.70 -17.18
CA ARG B 210 17.83 -10.11 -18.26
C ARG B 210 17.62 -11.62 -18.25
N GLU B 211 18.69 -12.39 -17.99
CA GLU B 211 18.53 -13.83 -17.90
C GLU B 211 17.60 -14.20 -16.75
N GLU B 212 17.74 -13.54 -15.60
CA GLU B 212 16.87 -13.83 -14.46
C GLU B 212 15.41 -13.54 -14.80
N LYS B 213 15.16 -12.42 -15.46
CA LYS B 213 13.81 -12.16 -15.96
C LYS B 213 13.34 -13.30 -16.86
N ASN B 214 14.22 -13.78 -17.74
CA ASN B 214 13.86 -14.85 -18.65
C ASN B 214 13.55 -16.13 -17.89
N HIS B 215 14.32 -16.42 -16.84
CA HIS B 215 14.07 -17.61 -16.03
C HIS B 215 12.69 -17.52 -15.38
N CYS B 216 12.34 -16.33 -14.88
CA CYS B 216 11.00 -16.11 -14.36
C CYS B 216 9.92 -16.47 -15.39
N LEU B 217 10.06 -15.95 -16.61
CA LEU B 217 9.04 -16.17 -17.63
C LEU B 217 8.94 -17.64 -18.03
N GLU B 218 10.08 -18.34 -18.12
CA GLU B 218 10.06 -19.75 -18.48
C GLU B 218 9.40 -20.62 -17.41
N GLU B 219 9.25 -20.12 -16.19
CA GLU B 219 8.63 -20.89 -15.13
C GLU B 219 7.11 -20.96 -15.27
N THR B 220 6.52 -20.08 -16.10
CA THR B 220 5.07 -19.92 -16.12
C THR B 220 4.36 -21.22 -16.45
N GLU B 221 4.91 -21.99 -17.40
CA GLU B 221 4.30 -23.27 -17.75
C GLU B 221 4.13 -24.15 -16.51
N LYS B 222 5.16 -24.24 -15.67
CA LYS B 222 5.07 -25.03 -14.46
C LYS B 222 3.97 -24.54 -13.53
N SER B 223 3.80 -23.21 -13.45
N SER B 223 3.80 -23.21 -13.44
CA SER B 223 2.73 -22.67 -12.60
CA SER B 223 2.73 -22.65 -12.61
C SER B 223 1.36 -23.10 -13.11
C SER B 223 1.37 -23.10 -13.11
N PHE B 224 1.14 -23.02 -14.43
CA PHE B 224 -0.12 -23.49 -14.98
C PHE B 224 -0.32 -24.98 -14.73
N LYS B 225 0.75 -25.76 -14.82
CA LYS B 225 0.65 -27.21 -14.62
C LYS B 225 0.26 -27.54 -13.19
N TYR B 226 0.95 -26.95 -12.22
CA TYR B 226 0.61 -27.21 -10.82
C TYR B 226 -0.76 -26.66 -10.45
N SER B 227 -1.07 -25.43 -10.87
CA SER B 227 -2.38 -24.86 -10.56
C SER B 227 -3.49 -25.65 -11.21
N GLY B 228 -3.27 -26.10 -12.45
CA GLY B 228 -4.30 -26.84 -13.17
C GLY B 228 -4.70 -28.12 -12.46
N GLU B 229 -3.74 -28.80 -11.83
CA GLU B 229 -4.08 -30.03 -11.13
C GLU B 229 -4.93 -29.76 -9.90
N ILE B 230 -4.78 -28.57 -9.30
CA ILE B 230 -5.62 -28.19 -8.18
C ILE B 230 -7.03 -27.81 -8.66
N LEU B 231 -7.11 -26.99 -9.72
CA LEU B 231 -8.41 -26.63 -10.30
C LEU B 231 -9.18 -27.87 -10.70
N ARG B 232 -8.49 -28.87 -11.24
CA ARG B 232 -9.12 -30.10 -11.68
C ARG B 232 -9.93 -30.76 -10.58
N LEU B 233 -9.55 -30.55 -9.30
CA LEU B 233 -10.28 -31.13 -8.19
C LEU B 233 -11.73 -30.67 -8.18
N ILE B 234 -11.99 -29.45 -8.63
CA ILE B 234 -13.37 -28.96 -8.70
C ILE B 234 -14.24 -29.90 -9.51
N LEU B 235 -13.69 -30.51 -10.55
CA LEU B 235 -14.45 -31.34 -11.46
C LEU B 235 -14.26 -32.83 -11.21
N SER B 236 -13.47 -33.20 -10.22
CA SER B 236 -13.23 -34.62 -9.90
C SER B 236 -14.21 -35.10 -8.84
CHA HEM C . 8.44 20.95 -1.50
CHB HEM C . 11.56 23.60 1.09
CHC HEM C . 8.04 24.89 4.17
CHD HEM C . 4.88 22.42 1.47
C1A HEM C . 9.61 21.55 -1.08
C2A HEM C . 10.92 21.43 -1.70
C3A HEM C . 11.77 22.16 -0.97
C4A HEM C . 11.04 22.77 0.12
CMA HEM C . 13.28 22.35 -1.23
CAA HEM C . 11.26 20.59 -2.96
CBA HEM C . 11.23 21.42 -4.24
CGA HEM C . 11.62 20.57 -5.42
O1A HEM C . 12.23 19.49 -5.19
O2A HEM C . 11.34 20.96 -6.59
C1B HEM C . 10.90 24.11 2.18
C2B HEM C . 11.51 24.83 3.29
C3B HEM C . 10.54 25.20 4.14
C4B HEM C . 9.28 24.71 3.59
CMB HEM C . 13.04 25.09 3.39
CAB HEM C . 10.59 25.97 5.48
CBB HEM C . 11.71 26.34 6.11
C1C HEM C . 6.86 24.34 3.71
C2C HEM C . 5.56 24.48 4.31
C3C HEM C . 4.68 23.80 3.54
C4C HEM C . 5.43 23.21 2.46
CMC HEM C . 5.30 25.30 5.60
CAC HEM C . 3.16 23.57 3.71
CBC HEM C . 2.49 23.69 4.86
C1D HEM C . 5.57 21.77 0.47
C2D HEM C . 5.01 20.81 -0.46
C3D HEM C . 5.97 20.41 -1.28
C4D HEM C . 7.20 21.09 -0.90
CMD HEM C . 3.53 20.35 -0.49
CAD HEM C . 5.79 19.37 -2.42
CBD HEM C . 6.49 18.10 -1.97
CGD HEM C . 6.26 16.98 -2.96
O1D HEM C . 6.42 15.80 -2.54
O2D HEM C . 5.93 17.24 -4.15
NA HEM C . 9.72 22.38 0.02
NB HEM C . 9.54 24.07 2.41
NC HEM C . 6.75 23.56 2.57
ND HEM C . 6.91 21.92 0.17
FE HEM C . 8.27 23.01 1.29
CHA HEM D . -6.20 -13.75 -16.82
CHB HEM D . -9.56 -17.17 -17.49
CHC HEM D . -6.70 -20.48 -15.37
CHD HEM D . -3.21 -17.12 -14.99
C1A HEM D . -7.37 -14.38 -17.17
C2A HEM D . -8.52 -13.75 -17.80
C3A HEM D . -9.45 -14.71 -17.99
C4A HEM D . -8.91 -15.96 -17.48
CMA HEM D . -10.84 -14.55 -18.62
CAA HEM D . -8.64 -12.27 -18.18
CBA HEM D . -8.28 -12.05 -19.65
CGA HEM D . -8.38 -10.59 -20.01
O1A HEM D . -8.17 -10.25 -21.21
O2A HEM D . -8.66 -9.78 -19.10
C1B HEM D . -9.10 -18.35 -16.93
C2B HEM D . -9.87 -19.56 -16.82
C3B HEM D . -9.08 -20.49 -16.23
C4B HEM D . -7.80 -19.86 -15.95
CMB HEM D . -11.33 -19.69 -17.30
CAB HEM D . -9.38 -21.96 -15.85
CBB HEM D . -10.59 -22.52 -15.95
C1C HEM D . -5.48 -19.87 -15.10
C2C HEM D . -4.32 -20.51 -14.51
C3C HEM D . -3.35 -19.57 -14.43
C4C HEM D . -3.88 -18.32 -14.92
CMC HEM D . -4.26 -22.01 -14.13
CAC HEM D . -1.91 -19.67 -13.86
CBC HEM D . -1.57 -20.46 -12.83
C1D HEM D . -3.72 -15.91 -15.40
C2D HEM D . -3.06 -14.62 -15.32
C3D HEM D . -3.87 -13.69 -15.83
C4D HEM D . -5.09 -14.35 -16.23
CMD HEM D . -1.64 -14.35 -14.76
CAD HEM D . -3.55 -12.18 -15.94
CBD HEM D . -4.37 -11.48 -14.85
CGD HEM D . -4.07 -10.02 -14.76
O1D HEM D . -3.38 -9.48 -15.67
O2D HEM D . -4.50 -9.37 -13.77
NA HEM D . -7.64 -15.72 -17.00
NB HEM D . -7.86 -18.56 -16.40
NC HEM D . -5.19 -18.55 -15.32
ND HEM D . -4.97 -15.70 -15.96
FE HEM D . -6.42 -17.15 -16.20
#